data_4HT4
#
_entry.id   4HT4
#
_cell.length_a   63.226
_cell.length_b   63.226
_cell.length_c   313.756
_cell.angle_alpha   90.000
_cell.angle_beta   90.000
_cell.angle_gamma   120.000
#
_symmetry.space_group_name_H-M   'P 64 2 2'
#
loop_
_entity.id
_entity.type
_entity.pdbx_description
1 polymer 'Nicking enzyme'
2 polymer 'DNA (28-MER)'
3 non-polymer 'NICKEL (II) ION'
4 non-polymer 'CALCIUM ION'
5 non-polymer 'CHLORIDE ION'
6 water water
#
loop_
_entity_poly.entity_id
_entity_poly.type
_entity_poly.pdbx_seq_one_letter_code
_entity_poly.pdbx_strand_id
1 'polypeptide(L)'
;A(MSE)YHFQNKFVSKANGQSATAKSAFNSASRIKDFKENEFKDYSNKQCDYSEILLPNNADDKFKDREYLWNKVHDVEN
RKNSQVAREIIIGLPNEFDPNSNIELAKEFAESLSNEG(MSE)IVDLNIHKINEENPHAHLLCTLRGLDKNNEFEPKRKG
NDYIRDWNTKEKHNEWRKRWENVQNKHLEKNGFSVRVSADSYL
;
A
2 'polydeoxyribonucleotide'
;(DC)(DG)(DC)(DG)(DA)(DA)(DC)(DG)(DG)(DA)(DA)(DC)(DG)(DT)(DT)(DC)(DG)(DC)(DA)(DT)
(DA)(DA)(DG)(DT)(DG)(DC)(DG)(DC)
;
B
#
# COMPACT_ATOMS: atom_id res chain seq x y z
N ALA A 1 10.63 3.75 -17.09
CA ALA A 1 11.89 3.44 -17.75
C ALA A 1 12.90 2.86 -16.76
N TYR A 3 13.08 -0.12 -13.12
CA TYR A 3 12.40 -0.99 -12.16
C TYR A 3 12.80 -0.69 -10.72
N HIS A 4 11.80 -0.54 -9.86
CA HIS A 4 12.04 -0.41 -8.43
C HIS A 4 10.85 -0.94 -7.64
N PHE A 5 11.12 -1.96 -6.82
CA PHE A 5 10.08 -2.55 -6.00
C PHE A 5 10.60 -2.76 -4.58
N GLN A 6 9.98 -2.13 -3.61
CA GLN A 6 10.38 -2.28 -2.22
C GLN A 6 9.25 -2.82 -1.36
N ASN A 7 9.56 -3.82 -0.56
CA ASN A 7 8.58 -4.44 0.33
C ASN A 7 9.07 -4.35 1.77
N LYS A 8 8.34 -3.61 2.61
CA LYS A 8 8.77 -3.39 3.98
C LYS A 8 7.61 -3.40 4.97
N PHE A 9 7.93 -3.66 6.24
CA PHE A 9 6.94 -3.67 7.30
C PHE A 9 6.93 -2.35 8.07
N VAL A 10 5.74 -1.96 8.53
CA VAL A 10 5.60 -0.79 9.39
C VAL A 10 5.38 -1.25 10.83
N SER A 11 6.43 -1.19 11.63
CA SER A 11 6.40 -1.76 12.97
C SER A 11 6.43 -0.70 14.07
N LYS A 12 5.65 -0.93 15.12
CA LYS A 12 5.61 -0.01 16.26
C LYS A 12 6.85 -0.20 17.14
N ALA A 13 7.56 -1.29 16.92
CA ALA A 13 8.78 -1.58 17.67
C ALA A 13 9.89 -0.59 17.30
N ASN A 14 9.70 0.10 16.17
CA ASN A 14 10.65 1.10 15.72
C ASN A 14 10.04 2.50 15.73
N GLY A 15 8.98 2.68 16.51
CA GLY A 15 8.37 3.98 16.70
C GLY A 15 7.53 4.46 15.53
N GLN A 16 7.13 3.54 14.66
CA GLN A 16 6.33 3.90 13.50
C GLN A 16 4.85 3.87 13.82
N SER A 17 4.05 4.46 12.93
CA SER A 17 2.61 4.52 13.11
C SER A 17 1.88 4.46 11.78
N ALA A 18 0.75 3.78 11.77
CA ALA A 18 -0.08 3.68 10.58
C ALA A 18 -0.77 5.00 10.29
N THR A 19 -1.13 5.72 11.35
CA THR A 19 -1.79 7.01 11.21
C THR A 19 -0.79 8.07 10.73
N ALA A 20 0.45 7.95 11.17
CA ALA A 20 1.50 8.87 10.75
C ALA A 20 1.86 8.65 9.28
N LYS A 21 2.04 7.39 8.89
CA LYS A 21 2.38 7.05 7.52
C LYS A 21 1.27 7.40 6.54
N SER A 22 0.03 7.12 6.91
CA SER A 22 -1.11 7.41 6.06
C SER A 22 -1.29 8.92 5.86
N ALA A 23 -0.93 9.68 6.89
CA ALA A 23 -1.00 11.14 6.82
C ALA A 23 0.17 11.71 6.04
N PHE A 24 1.35 11.13 6.24
CA PHE A 24 2.56 11.58 5.57
C PHE A 24 2.49 11.31 4.07
N ASN A 25 1.90 10.19 3.69
CA ASN A 25 1.83 9.78 2.30
C ASN A 25 0.69 10.44 1.54
N SER A 26 -0.43 10.66 2.23
CA SER A 26 -1.62 11.24 1.61
C SER A 26 -1.66 12.76 1.76
N ALA A 27 -0.69 13.30 2.49
CA ALA A 27 -0.61 14.73 2.76
C ALA A 27 -1.91 15.25 3.38
N SER A 28 -2.36 14.57 4.44
CA SER A 28 -3.62 14.93 5.08
C SER A 28 -3.49 14.94 6.60
N ARG A 29 -4.54 15.39 7.28
CA ARG A 29 -4.55 15.45 8.74
C ARG A 29 -5.43 14.34 9.30
N ILE A 30 -4.82 13.42 10.03
CA ILE A 30 -5.54 12.26 10.59
C ILE A 30 -5.34 12.16 12.10
N LYS A 31 -6.45 11.98 12.81
CA LYS A 31 -6.41 11.91 14.27
C LYS A 31 -6.18 10.48 14.78
N ASP A 32 -5.20 10.35 15.68
CA ASP A 32 -4.98 9.10 16.38
C ASP A 32 -5.75 9.18 17.70
N PHE A 33 -6.61 8.21 17.94
CA PHE A 33 -7.51 8.26 19.10
C PHE A 33 -6.84 7.76 20.38
N LYS A 34 -6.12 6.64 20.27
CA LYS A 34 -5.50 6.03 21.44
C LYS A 34 -4.39 6.87 22.03
N GLU A 35 -3.91 7.86 21.27
CA GLU A 35 -2.86 8.75 21.74
C GLU A 35 -3.35 10.21 21.79
N ASN A 36 -4.54 10.43 21.25
CA ASN A 36 -5.15 11.76 21.20
C ASN A 36 -4.24 12.84 20.60
N GLU A 37 -3.54 12.47 19.53
CA GLU A 37 -2.74 13.44 18.79
C GLU A 37 -3.36 13.67 17.42
N PHE A 38 -2.83 14.65 16.70
CA PHE A 38 -3.25 14.90 15.33
C PHE A 38 -2.05 14.78 14.39
N LYS A 39 -2.04 13.71 13.60
CA LYS A 39 -0.98 13.52 12.61
C LYS A 39 -1.23 14.43 11.42
N ASP A 40 -0.67 15.64 11.47
CA ASP A 40 -0.91 16.64 10.44
C ASP A 40 0.28 16.78 9.50
N TYR A 41 0.18 16.15 8.33
CA TYR A 41 1.21 16.27 7.30
C TYR A 41 0.59 16.86 6.04
N SER A 42 -0.39 17.73 6.22
CA SER A 42 -1.10 18.35 5.10
C SER A 42 -0.22 19.33 4.32
N ASN A 43 0.94 19.65 4.88
CA ASN A 43 1.89 20.54 4.22
C ASN A 43 2.86 19.77 3.33
N LYS A 44 2.58 18.48 3.12
CA LYS A 44 3.41 17.64 2.27
C LYS A 44 2.80 17.56 0.87
N GLN A 45 3.45 16.81 -0.01
CA GLN A 45 2.98 16.70 -1.39
C GLN A 45 2.34 15.34 -1.68
N CYS A 46 1.26 15.37 -2.46
CA CYS A 46 0.55 14.16 -2.85
C CYS A 46 -0.36 14.47 -4.04
N ASP A 47 -0.17 13.76 -5.14
CA ASP A 47 -0.89 14.06 -6.37
C ASP A 47 -2.11 13.16 -6.59
N TYR A 48 -2.12 12.01 -5.92
CA TYR A 48 -3.26 11.11 -6.02
C TYR A 48 -3.38 10.22 -4.78
N SER A 49 -4.59 10.09 -4.25
CA SER A 49 -4.85 9.25 -3.10
C SER A 49 -6.13 8.45 -3.27
N GLU A 50 -6.09 7.19 -2.88
CA GLU A 50 -7.26 6.32 -2.96
C GLU A 50 -7.11 5.11 -2.05
N ILE A 51 -8.22 4.67 -1.47
CA ILE A 51 -8.24 3.45 -0.69
C ILE A 51 -9.04 2.37 -1.42
N LEU A 52 -8.39 1.25 -1.71
CA LEU A 52 -9.02 0.17 -2.46
C LEU A 52 -9.37 -1.00 -1.54
N LEU A 53 -10.60 -1.48 -1.65
CA LEU A 53 -11.11 -2.52 -0.76
C LEU A 53 -11.31 -3.85 -1.48
N PRO A 54 -11.25 -4.96 -0.72
CA PRO A 54 -11.58 -6.28 -1.27
C PRO A 54 -13.08 -6.42 -1.49
N ASN A 55 -13.52 -7.60 -1.90
CA ASN A 55 -14.93 -7.84 -2.22
C ASN A 55 -15.86 -7.68 -1.02
N ASN A 56 -15.61 -8.44 0.03
CA ASN A 56 -16.46 -8.42 1.22
C ASN A 56 -16.03 -7.37 2.24
N ALA A 57 -15.87 -6.14 1.79
CA ALA A 57 -15.47 -5.05 2.68
C ALA A 57 -16.53 -3.96 2.74
N ASP A 58 -16.69 -3.37 3.91
CA ASP A 58 -17.67 -2.31 4.12
C ASP A 58 -17.12 -0.98 3.62
N ASP A 59 -18.01 -0.08 3.23
CA ASP A 59 -17.62 1.21 2.69
C ASP A 59 -16.95 2.11 3.73
N LYS A 60 -17.00 1.67 4.99
CA LYS A 60 -16.39 2.41 6.08
C LYS A 60 -14.88 2.54 5.89
N PHE A 61 -14.27 1.50 5.35
CA PHE A 61 -12.82 1.44 5.25
C PHE A 61 -12.24 2.36 4.19
N LYS A 62 -13.10 3.00 3.40
CA LYS A 62 -12.63 3.98 2.41
C LYS A 62 -12.33 5.32 3.07
N ASP A 63 -12.59 5.40 4.36
CA ASP A 63 -12.18 6.56 5.16
C ASP A 63 -10.83 6.27 5.79
N ARG A 64 -9.85 7.12 5.50
CA ARG A 64 -8.48 6.88 5.92
C ARG A 64 -8.31 6.95 7.43
N GLU A 65 -9.12 7.79 8.08
CA GLU A 65 -9.02 7.97 9.52
C GLU A 65 -9.55 6.76 10.29
N TYR A 66 -10.71 6.26 9.87
CA TYR A 66 -11.33 5.12 10.52
C TYR A 66 -10.48 3.86 10.35
N LEU A 67 -9.96 3.68 9.14
CA LEU A 67 -9.21 2.48 8.79
C LEU A 67 -8.03 2.21 9.71
N TRP A 68 -7.11 3.15 9.78
CA TRP A 68 -5.86 2.93 10.52
C TRP A 68 -6.00 3.02 12.03
N ASN A 69 -7.12 3.57 12.50
CA ASN A 69 -7.45 3.51 13.92
C ASN A 69 -8.03 2.15 14.24
N LYS A 70 -8.81 1.61 13.30
CA LYS A 70 -9.37 0.28 13.43
C LYS A 70 -8.24 -0.75 13.39
N VAL A 71 -7.21 -0.44 12.60
CA VAL A 71 -6.03 -1.30 12.51
C VAL A 71 -5.21 -1.23 13.81
N HIS A 72 -4.96 -0.01 14.28
CA HIS A 72 -4.23 0.19 15.53
C HIS A 72 -4.94 -0.49 16.70
N ASP A 73 -6.26 -0.59 16.61
CA ASP A 73 -7.07 -1.24 17.63
C ASP A 73 -6.71 -2.73 17.73
N VAL A 74 -6.57 -3.38 16.58
CA VAL A 74 -6.23 -4.79 16.54
C VAL A 74 -4.76 -5.00 16.85
N GLU A 75 -3.94 -4.02 16.49
CA GLU A 75 -2.51 -4.06 16.77
C GLU A 75 -2.19 -3.47 18.15
N ASN A 76 -2.90 -3.94 19.16
CA ASN A 76 -2.74 -3.42 20.52
C ASN A 76 -1.53 -3.98 21.24
N ARG A 77 -0.35 -3.84 20.63
CA ARG A 77 0.89 -4.27 21.26
C ARG A 77 1.96 -3.21 21.05
N LYS A 78 2.95 -3.17 21.94
CA LYS A 78 3.99 -2.15 21.88
C LYS A 78 5.02 -2.46 20.79
N ASN A 79 4.95 -3.66 20.23
CA ASN A 79 5.86 -4.06 19.16
C ASN A 79 5.10 -4.54 17.93
N SER A 80 3.80 -4.29 17.92
CA SER A 80 2.92 -4.75 16.85
C SER A 80 3.23 -4.14 15.50
N GLN A 81 3.35 -4.99 14.49
CA GLN A 81 3.47 -4.53 13.10
C GLN A 81 2.08 -4.14 12.62
N VAL A 82 1.91 -2.88 12.24
CA VAL A 82 0.58 -2.38 11.91
C VAL A 82 0.21 -2.53 10.44
N ALA A 83 1.21 -2.42 9.55
CA ALA A 83 0.93 -2.48 8.13
C ALA A 83 2.16 -2.86 7.30
N ARG A 84 1.94 -3.06 6.01
CA ARG A 84 3.02 -3.33 5.07
C ARG A 84 3.06 -2.22 4.04
N GLU A 85 4.24 -1.62 3.85
CA GLU A 85 4.39 -0.58 2.84
C GLU A 85 5.11 -1.10 1.61
N ILE A 86 4.49 -0.93 0.44
CA ILE A 86 5.11 -1.28 -0.81
C ILE A 86 5.24 -0.04 -1.69
N ILE A 87 6.47 0.35 -1.97
CA ILE A 87 6.69 1.47 -2.89
C ILE A 87 7.19 0.96 -4.24
N ILE A 88 6.70 1.56 -5.31
CA ILE A 88 7.06 1.14 -6.65
C ILE A 88 7.45 2.34 -7.52
N GLY A 89 8.47 2.14 -8.35
CA GLY A 89 8.90 3.17 -9.26
C GLY A 89 8.02 3.23 -10.49
N LEU A 90 7.52 4.44 -10.79
CA LEU A 90 6.68 4.64 -11.96
C LEU A 90 7.49 5.24 -13.09
N PRO A 91 7.22 4.80 -14.34
CA PRO A 91 7.92 5.31 -15.53
C PRO A 91 7.65 6.80 -15.73
N ASN A 92 8.73 7.59 -15.78
CA ASN A 92 8.61 9.05 -15.84
C ASN A 92 8.25 9.60 -17.22
N GLU A 93 8.13 8.71 -18.21
CA GLU A 93 7.69 9.13 -19.53
C GLU A 93 6.17 9.11 -19.64
N PHE A 94 5.54 8.50 -18.64
CA PHE A 94 4.08 8.45 -18.58
C PHE A 94 3.48 9.78 -18.15
N ASP A 95 2.32 10.10 -18.70
CA ASP A 95 1.55 11.23 -18.24
C ASP A 95 0.85 10.81 -16.95
N PRO A 96 0.50 11.79 -16.08
CA PRO A 96 -0.15 11.50 -14.80
C PRO A 96 -1.36 10.56 -14.91
N ASN A 97 -2.23 10.83 -15.88
CA ASN A 97 -3.44 10.03 -16.05
C ASN A 97 -3.16 8.55 -16.30
N SER A 98 -2.14 8.26 -17.10
CA SER A 98 -1.77 6.88 -17.39
C SER A 98 -0.93 6.29 -16.26
N ASN A 99 -0.22 7.15 -15.54
CA ASN A 99 0.56 6.72 -14.38
C ASN A 99 -0.35 6.29 -13.24
N ILE A 100 -1.51 6.92 -13.15
CA ILE A 100 -2.49 6.58 -12.13
C ILE A 100 -3.09 5.20 -12.38
N GLU A 101 -3.57 4.99 -13.61
CA GLU A 101 -4.21 3.74 -13.99
C GLU A 101 -3.27 2.54 -13.83
N LEU A 102 -1.99 2.78 -14.06
CA LEU A 102 -0.97 1.74 -13.89
C LEU A 102 -0.86 1.34 -12.43
N ALA A 103 -0.67 2.32 -11.56
CA ALA A 103 -0.54 2.07 -10.13
C ALA A 103 -1.84 1.58 -9.53
N LYS A 104 -2.96 2.03 -10.09
CA LYS A 104 -4.27 1.62 -9.62
C LYS A 104 -4.51 0.13 -9.87
N GLU A 105 -4.07 -0.35 -11.03
CA GLU A 105 -4.29 -1.75 -11.41
C GLU A 105 -3.52 -2.72 -10.52
N PHE A 106 -2.25 -2.42 -10.27
CA PHE A 106 -1.42 -3.29 -9.45
C PHE A 106 -1.91 -3.31 -8.01
N ALA A 107 -2.45 -2.18 -7.56
CA ALA A 107 -2.98 -2.08 -6.21
C ALA A 107 -4.24 -2.94 -6.07
N GLU A 108 -5.03 -3.00 -7.13
CA GLU A 108 -6.26 -3.80 -7.15
C GLU A 108 -5.95 -5.29 -7.18
N SER A 109 -4.74 -5.63 -7.64
CA SER A 109 -4.31 -7.01 -7.65
C SER A 109 -3.92 -7.46 -6.24
N LEU A 110 -3.74 -6.47 -5.35
CA LEU A 110 -3.43 -6.76 -3.96
C LEU A 110 -4.72 -6.86 -3.14
N SER A 111 -5.70 -6.01 -3.49
CA SER A 111 -6.98 -6.03 -2.81
C SER A 111 -7.81 -7.23 -3.24
N ASN A 112 -7.33 -7.93 -4.26
CA ASN A 112 -7.98 -9.15 -4.75
C ASN A 112 -7.53 -10.37 -3.98
N GLU A 113 -6.64 -10.17 -3.00
CA GLU A 113 -6.03 -11.28 -2.27
C GLU A 113 -6.43 -11.64 -0.82
N GLY A 114 -7.13 -10.80 -0.06
CA GLY A 114 -7.61 -9.48 -0.42
C GLY A 114 -7.38 -8.48 0.70
N ILE A 116 -6.51 -4.43 2.25
CA ILE A 116 -6.96 -3.06 2.05
C ILE A 116 -5.74 -2.22 1.70
N VAL A 117 -5.80 -1.52 0.57
CA VAL A 117 -4.65 -0.78 0.07
C VAL A 117 -4.85 0.72 0.11
N ASP A 118 -3.98 1.41 0.82
CA ASP A 118 -3.99 2.87 0.86
C ASP A 118 -2.99 3.38 -0.18
N LEU A 119 -3.49 3.66 -1.38
CA LEU A 119 -2.64 4.08 -2.49
C LEU A 119 -2.39 5.58 -2.50
N ASN A 120 -1.11 5.96 -2.53
CA ASN A 120 -0.72 7.36 -2.63
C ASN A 120 0.43 7.54 -3.61
N ILE A 121 0.23 8.40 -4.60
CA ILE A 121 1.22 8.63 -5.63
C ILE A 121 1.99 9.93 -5.40
N HIS A 122 3.32 9.82 -5.35
CA HIS A 122 4.17 10.98 -5.11
C HIS A 122 4.78 11.54 -6.39
N LYS A 123 5.14 12.82 -6.33
CA LYS A 123 5.88 13.54 -7.36
C LYS A 123 5.76 13.07 -8.81
N ILE A 124 4.57 13.18 -9.37
CA ILE A 124 4.39 13.00 -10.81
C ILE A 124 4.97 14.25 -11.47
N ASN A 125 5.17 14.20 -12.78
CA ASN A 125 5.79 15.29 -13.52
C ASN A 125 7.23 15.55 -13.07
N GLU A 126 7.81 14.56 -12.40
CA GLU A 126 9.20 14.67 -11.95
C GLU A 126 10.04 13.50 -12.45
N GLU A 127 11.32 13.52 -12.09
CA GLU A 127 12.25 12.49 -12.53
C GLU A 127 11.96 11.15 -11.85
N ASN A 128 11.46 11.20 -10.62
CA ASN A 128 11.21 9.98 -9.87
C ASN A 128 9.76 9.85 -9.38
N PRO A 129 8.84 9.55 -10.30
CA PRO A 129 7.46 9.31 -9.88
C PRO A 129 7.36 7.95 -9.20
N HIS A 130 6.89 7.92 -7.96
CA HIS A 130 6.72 6.66 -7.24
C HIS A 130 5.37 6.58 -6.57
N ALA A 131 4.99 5.39 -6.13
CA ALA A 131 3.70 5.19 -5.48
C ALA A 131 3.83 4.35 -4.21
N HIS A 132 3.40 4.93 -3.10
CA HIS A 132 3.41 4.23 -1.82
C HIS A 132 2.12 3.43 -1.65
N LEU A 133 2.24 2.20 -1.17
CA LEU A 133 1.07 1.36 -0.94
C LEU A 133 1.04 0.80 0.48
N LEU A 134 0.21 1.40 1.34
CA LEU A 134 0.02 0.89 2.69
C LEU A 134 -1.04 -0.21 2.70
N CYS A 135 -0.62 -1.42 3.07
CA CYS A 135 -1.49 -2.57 3.05
C CYS A 135 -1.68 -3.18 4.44
N THR A 136 -2.89 -3.64 4.71
CA THR A 136 -3.20 -4.27 5.99
C THR A 136 -2.51 -5.63 6.10
N LEU A 137 -2.24 -6.06 7.33
CA LEU A 137 -1.58 -7.33 7.56
C LEU A 137 -2.58 -8.43 7.92
N ARG A 138 -3.85 -8.05 7.99
CA ARG A 138 -4.91 -8.99 8.32
C ARG A 138 -6.05 -8.90 7.31
N GLY A 139 -6.85 -9.95 7.23
CA GLY A 139 -8.01 -9.97 6.35
C GLY A 139 -9.29 -9.69 7.12
N LEU A 140 -10.39 -9.56 6.39
CA LEU A 140 -11.69 -9.30 7.01
C LEU A 140 -12.55 -10.56 7.05
N ASP A 141 -13.36 -10.67 8.10
CA ASP A 141 -14.25 -11.83 8.24
C ASP A 141 -15.70 -11.49 7.87
N LYS A 142 -16.61 -12.37 8.26
CA LYS A 142 -18.02 -12.21 7.94
C LYS A 142 -18.64 -11.02 8.68
N ASN A 143 -17.99 -10.60 9.76
CA ASN A 143 -18.50 -9.52 10.59
C ASN A 143 -17.73 -8.22 10.38
N ASN A 144 -16.96 -8.16 9.29
CA ASN A 144 -16.11 -7.02 8.99
C ASN A 144 -15.14 -6.70 10.13
N GLU A 145 -14.54 -7.75 10.69
CA GLU A 145 -13.54 -7.61 11.73
C GLU A 145 -12.24 -8.26 11.25
N PHE A 146 -11.11 -7.78 11.77
CA PHE A 146 -9.82 -8.30 11.34
C PHE A 146 -9.52 -9.70 11.89
N GLU A 147 -9.23 -10.63 10.99
CA GLU A 147 -8.86 -11.99 11.36
C GLU A 147 -7.46 -11.98 11.97
N PRO A 148 -7.12 -13.02 12.75
CA PRO A 148 -5.78 -13.06 13.33
C PRO A 148 -4.70 -13.29 12.29
N LYS A 149 -3.49 -12.86 12.59
CA LYS A 149 -2.35 -13.08 11.71
C LYS A 149 -1.85 -14.51 11.87
N ARG A 150 -1.94 -15.02 13.09
CA ARG A 150 -1.24 -16.25 13.44
C ARG A 150 -2.10 -17.32 14.09
N LYS A 151 -1.68 -18.56 13.93
CA LYS A 151 -2.25 -19.69 14.65
C LYS A 151 -1.10 -20.60 15.09
N GLY A 152 -0.57 -20.32 16.27
CA GLY A 152 0.62 -21.01 16.74
C GLY A 152 1.86 -20.38 16.16
N ASN A 153 2.52 -21.09 15.25
CA ASN A 153 3.67 -20.56 14.54
C ASN A 153 3.36 -20.37 13.05
N ASP A 154 2.23 -20.92 12.62
CA ASP A 154 1.81 -20.84 11.22
C ASP A 154 1.06 -19.53 10.95
N TYR A 155 0.97 -19.18 9.68
CA TYR A 155 0.27 -17.96 9.29
C TYR A 155 -1.14 -18.26 8.79
N ILE A 156 -1.97 -17.23 8.74
CA ILE A 156 -3.32 -17.35 8.22
C ILE A 156 -3.34 -16.99 6.74
N ARG A 157 -2.57 -15.97 6.39
CA ARG A 157 -2.44 -15.54 5.00
C ARG A 157 -1.02 -15.80 4.51
N ASP A 158 -0.87 -15.95 3.19
CA ASP A 158 0.43 -16.24 2.61
C ASP A 158 1.13 -14.96 2.14
N TRP A 159 0.66 -13.82 2.64
CA TRP A 159 1.16 -12.53 2.18
C TRP A 159 2.63 -12.27 2.54
N ASN A 160 3.14 -13.00 3.52
CA ASN A 160 4.49 -12.73 4.03
C ASN A 160 5.54 -13.77 3.64
N THR A 161 5.25 -14.54 2.60
CA THR A 161 6.17 -15.59 2.17
C THR A 161 7.05 -15.12 1.01
N LYS A 162 8.19 -15.78 0.84
CA LYS A 162 9.09 -15.46 -0.26
C LYS A 162 8.42 -15.71 -1.61
N GLU A 163 7.62 -16.76 -1.69
CA GLU A 163 6.94 -17.11 -2.93
C GLU A 163 5.98 -15.99 -3.34
N LYS A 164 5.28 -15.43 -2.36
CA LYS A 164 4.37 -14.32 -2.59
C LYS A 164 5.14 -13.04 -2.86
N HIS A 165 6.28 -12.89 -2.18
CA HIS A 165 7.15 -11.75 -2.39
C HIS A 165 7.67 -11.72 -3.82
N ASN A 166 8.28 -12.82 -4.24
CA ASN A 166 8.83 -12.94 -5.59
C ASN A 166 7.74 -12.91 -6.66
N GLU A 167 6.54 -13.34 -6.29
CA GLU A 167 5.40 -13.29 -7.20
C GLU A 167 5.00 -11.84 -7.46
N TRP A 168 4.98 -11.05 -6.40
CA TRP A 168 4.59 -9.64 -6.50
C TRP A 168 5.59 -8.85 -7.33
N ARG A 169 6.86 -9.21 -7.21
CA ARG A 169 7.91 -8.56 -7.98
C ARG A 169 7.72 -8.81 -9.47
N LYS A 170 7.42 -10.06 -9.82
CA LYS A 170 7.22 -10.43 -11.22
C LYS A 170 5.90 -9.86 -11.74
N ARG A 171 4.93 -9.72 -10.85
CA ARG A 171 3.63 -9.18 -11.23
C ARG A 171 3.75 -7.70 -11.60
N TRP A 172 4.54 -6.97 -10.82
CA TRP A 172 4.75 -5.55 -11.07
C TRP A 172 5.51 -5.33 -12.38
N GLU A 173 6.38 -6.27 -12.72
CA GLU A 173 7.08 -6.23 -13.99
C GLU A 173 6.10 -6.39 -15.15
N ASN A 174 5.25 -7.40 -15.03
CA ASN A 174 4.28 -7.72 -16.08
C ASN A 174 3.24 -6.63 -16.28
N VAL A 175 2.71 -6.10 -15.17
CA VAL A 175 1.70 -5.05 -15.24
C VAL A 175 2.28 -3.77 -15.83
N GLN A 176 3.49 -3.41 -15.41
CA GLN A 176 4.14 -2.21 -15.90
C GLN A 176 4.48 -2.32 -17.38
N ASN A 177 5.05 -3.46 -17.78
CA ASN A 177 5.37 -3.71 -19.18
C ASN A 177 4.14 -3.68 -20.07
N LYS A 178 3.02 -4.13 -19.53
CA LYS A 178 1.75 -4.13 -20.25
C LYS A 178 1.31 -2.71 -20.57
N HIS A 179 1.39 -1.84 -19.58
CA HIS A 179 1.01 -0.44 -19.75
C HIS A 179 2.01 0.31 -20.61
N LEU A 180 3.27 -0.13 -20.58
CA LEU A 180 4.30 0.47 -21.40
C LEU A 180 4.05 0.17 -22.88
N GLU A 181 3.52 -1.02 -23.15
CA GLU A 181 3.20 -1.42 -24.51
C GLU A 181 1.90 -0.75 -24.98
N LYS A 182 0.94 -0.64 -24.07
CA LYS A 182 -0.37 -0.09 -24.39
C LYS A 182 -0.29 1.38 -24.79
N ASN A 183 0.58 2.13 -24.13
CA ASN A 183 0.72 3.56 -24.41
C ASN A 183 1.67 3.86 -25.57
N GLY A 184 2.29 2.80 -26.10
CA GLY A 184 3.12 2.94 -27.28
C GLY A 184 4.58 3.26 -27.00
N PHE A 185 5.21 2.44 -26.16
CA PHE A 185 6.63 2.60 -25.87
C PHE A 185 7.39 1.33 -26.17
N SER A 186 8.58 1.47 -26.73
CA SER A 186 9.42 0.32 -27.06
C SER A 186 10.21 -0.12 -25.85
N VAL A 187 10.09 0.63 -24.76
CA VAL A 187 10.84 0.36 -23.54
C VAL A 187 10.09 -0.60 -22.63
N ARG A 188 10.79 -1.61 -22.13
CA ARG A 188 10.23 -2.55 -21.16
C ARG A 188 11.09 -2.59 -19.91
N VAL A 189 10.67 -3.40 -18.93
CA VAL A 189 11.39 -3.44 -17.65
C VAL A 189 11.51 -4.85 -17.07
N SER A 190 12.56 -5.07 -16.28
CA SER A 190 12.84 -6.38 -15.71
C SER A 190 13.08 -6.31 -14.21
N ALA A 191 12.80 -7.41 -13.52
CA ALA A 191 12.88 -7.44 -12.06
C ALA A 191 14.19 -8.01 -11.54
N ASP A 192 14.69 -9.06 -12.19
CA ASP A 192 15.89 -9.76 -11.74
C ASP A 192 17.17 -8.94 -11.90
N SER A 193 18.29 -9.53 -11.47
CA SER A 193 19.58 -8.87 -11.61
C SER A 193 20.63 -9.84 -12.15
N TYR A 194 21.90 -9.46 -12.00
CA TYR A 194 23.03 -10.27 -12.46
C TYR A 194 22.94 -10.61 -13.95
#